data_9PHQ
#
_entry.id   9PHQ
#
_cell.length_a   159.195
_cell.length_b   159.195
_cell.length_c   159.195
_cell.angle_alpha   90.000
_cell.angle_beta   90.000
_cell.angle_gamma   90.000
#
_symmetry.space_group_name_H-M   'I 21 3'
#
loop_
_entity.id
_entity.type
_entity.pdbx_description
1 polymer Hemagglutinin
2 polymer 'Hemagglutinin HA2 chain'
3 polymer 'cyclic peptide CP141088'
4 branched 2-acetamido-2-deoxy-beta-D-glucopyranose-(1-4)-2-acetamido-2-deoxy-beta-D-glucopyranose
5 non-polymer 2-acetamido-2-deoxy-beta-D-glucopyranose
6 water water
#
loop_
_entity_poly.entity_id
_entity_poly.type
_entity_poly.pdbx_seq_one_letter_code
_entity_poly.pdbx_strand_id
1 'polypeptide(L)'
;DTICIGYHANNSTDTVDTVLEKNVTVTHSVNLLEDSHNGKLCRLKGIAPLQLGKCNIAGWLLGNPECDPLLPVRSWSYIV
ETPNSENGICYPGDFIDYEELREQLSSVSSFERFEIFPKESSWPNHNTNGVTAACSHEGKSSFYRNLLWLTEKEGSYPKL
KNSYVNKKGKEVLVLWGIHHPPNSKEQQNLYQNENAYVSVVTSNYNRRFTPEIAERPKVRDQAGRMNYYWTLLKPGDTII
FEANGNLIAPMYAFALSRGFGSGIITSNASMHECNTKCQTPLGAINSSLPYQNIHPVTIGECPKYVRSAKLRMVTGLRNI
PSIQSR
;
A
2 'polypeptide(L)'
;GLFGAIAGFIEGGWTGMIDGWYGYHHQNEQGSGYAADQKSTQNAINGITNKVNTVIEKMNIQFTAVGKEFNKLEKRMENL
NKKVDDGFLDIWTYNAELLVLLENERTLDFHDSNVKNLYEKVKSQLKNNAKEIGNGCFEFYHKCDNECMESVRNGTYDYP
KYSEESKLNREKVDGV
;
B
3 'polypeptide(L)' LYEDPLGVAGGMG G
#
loop_
_chem_comp.id
_chem_comp.type
_chem_comp.name
_chem_comp.formula
NAG D-saccharide, beta linking 2-acetamido-2-deoxy-beta-D-glucopyranose 'C8 H15 N O6'
#
# COMPACT_ATOMS: atom_id res chain seq x y z
N ASP A 1 -34.72 -48.25 -13.37
CA ASP A 1 -34.91 -47.20 -12.38
C ASP A 1 -33.63 -46.98 -11.59
N THR A 2 -33.00 -45.82 -11.79
CA THR A 2 -31.69 -45.55 -11.24
C THR A 2 -31.66 -44.18 -10.57
N ILE A 3 -30.76 -44.05 -9.57
CA ILE A 3 -30.42 -42.77 -8.96
C ILE A 3 -28.90 -42.67 -8.91
N CYS A 4 -28.38 -41.44 -9.02
CA CYS A 4 -26.96 -41.16 -9.21
C CYS A 4 -26.50 -40.00 -8.37
N ILE A 5 -25.28 -40.10 -7.86
CA ILE A 5 -24.61 -39.01 -7.17
C ILE A 5 -23.67 -38.33 -8.15
N GLY A 6 -23.57 -37.00 -8.04
CA GLY A 6 -22.70 -36.25 -8.91
C GLY A 6 -22.35 -34.90 -8.32
N TYR A 7 -21.65 -34.10 -9.11
CA TYR A 7 -21.16 -32.81 -8.64
C TYR A 7 -21.19 -31.80 -9.77
N HIS A 8 -21.04 -30.52 -9.39
CA HIS A 8 -21.24 -29.43 -10.33
C HIS A 8 -20.07 -29.32 -11.32
N ALA A 9 -20.40 -28.97 -12.56
CA ALA A 9 -19.42 -28.62 -13.56
C ALA A 9 -19.99 -27.46 -14.38
N ASN A 10 -19.10 -26.59 -14.86
CA ASN A 10 -19.52 -25.49 -15.72
C ASN A 10 -18.41 -25.22 -16.73
N ASN A 11 -18.52 -24.08 -17.42
CA ASN A 11 -17.59 -23.74 -18.50
C ASN A 11 -16.48 -22.81 -18.04
N SER A 12 -16.16 -22.81 -16.75
CA SER A 12 -15.11 -21.94 -16.24
C SER A 12 -13.74 -22.42 -16.70
N THR A 13 -12.88 -21.47 -17.07
CA THR A 13 -11.50 -21.75 -17.40
C THR A 13 -10.53 -21.27 -16.32
N ASP A 14 -11.05 -20.90 -15.15
CA ASP A 14 -10.19 -20.53 -14.04
C ASP A 14 -9.30 -21.71 -13.64
N THR A 15 -8.02 -21.42 -13.41
CA THR A 15 -7.07 -22.43 -12.99
C THR A 15 -6.34 -21.97 -11.73
N VAL A 16 -6.11 -22.90 -10.82
CA VAL A 16 -5.36 -22.64 -9.59
C VAL A 16 -4.32 -23.74 -9.42
N ASP A 17 -3.27 -23.41 -8.70
CA ASP A 17 -2.19 -24.35 -8.39
C ASP A 17 -2.42 -24.98 -7.02
N THR A 18 -2.10 -26.26 -6.91
CA THR A 18 -2.10 -26.97 -5.64
C THR A 18 -0.68 -27.44 -5.34
N VAL A 19 -0.54 -28.24 -4.28
CA VAL A 19 0.78 -28.78 -3.94
C VAL A 19 1.16 -29.90 -4.90
N LEU A 20 0.20 -30.75 -5.26
CA LEU A 20 0.46 -31.92 -6.10
C LEU A 20 0.24 -31.66 -7.58
N GLU A 21 -0.42 -30.56 -7.95
CA GLU A 21 -0.83 -30.33 -9.33
C GLU A 21 -0.88 -28.83 -9.60
N LYS A 22 -0.59 -28.46 -10.85
CA LYS A 22 -0.45 -27.04 -11.17
C LYS A 22 -1.67 -26.47 -11.92
N ASN A 23 -1.87 -26.79 -13.20
CA ASN A 23 -2.97 -26.17 -13.96
C ASN A 23 -4.26 -26.96 -13.73
N VAL A 24 -4.88 -26.70 -12.58
CA VAL A 24 -6.13 -27.34 -12.19
C VAL A 24 -7.28 -26.41 -12.53
N THR A 25 -8.09 -26.79 -13.52
CA THR A 25 -9.26 -26.01 -13.87
C THR A 25 -10.35 -26.21 -12.83
N VAL A 26 -10.96 -25.11 -12.38
CA VAL A 26 -11.92 -25.15 -11.30
C VAL A 26 -13.18 -24.39 -11.68
N THR A 27 -14.29 -24.74 -11.01
CA THR A 27 -15.58 -24.13 -11.34
C THR A 27 -15.69 -22.71 -10.82
N HIS A 28 -15.00 -22.39 -9.73
CA HIS A 28 -15.06 -21.03 -9.20
C HIS A 28 -13.82 -20.75 -8.35
N SER A 29 -13.38 -19.50 -8.38
CA SER A 29 -12.21 -19.06 -7.65
C SER A 29 -12.38 -17.60 -7.27
N VAL A 30 -11.55 -17.15 -6.33
CA VAL A 30 -11.47 -15.74 -5.96
C VAL A 30 -10.01 -15.31 -6.01
N ASN A 31 -9.75 -14.12 -6.54
CA ASN A 31 -8.40 -13.60 -6.63
C ASN A 31 -8.06 -12.85 -5.35
N LEU A 32 -6.82 -13.05 -4.88
CA LEU A 32 -6.33 -12.37 -3.69
C LEU A 32 -5.26 -11.34 -3.99
N LEU A 33 -4.80 -11.25 -5.25
CA LEU A 33 -3.67 -10.42 -5.62
C LEU A 33 -4.17 -9.31 -6.54
N GLU A 34 -4.12 -8.07 -6.07
CA GLU A 34 -4.47 -6.93 -6.90
C GLU A 34 -3.28 -6.51 -7.74
N ASP A 35 -3.49 -6.42 -9.05
CA ASP A 35 -2.43 -6.06 -9.99
C ASP A 35 -2.81 -4.89 -10.89
N SER A 36 -3.87 -4.16 -10.57
CA SER A 36 -4.36 -3.08 -11.41
C SER A 36 -4.36 -1.77 -10.64
N HIS A 37 -3.89 -0.71 -11.31
CA HIS A 37 -3.89 0.65 -10.77
C HIS A 37 -4.42 1.59 -11.84
N ASN A 38 -4.86 2.78 -11.41
CA ASN A 38 -5.49 3.72 -12.31
C ASN A 38 -4.53 4.74 -12.91
N GLY A 39 -3.25 4.69 -12.54
CA GLY A 39 -2.27 5.59 -13.12
C GLY A 39 -2.38 7.03 -12.70
N LYS A 40 -3.21 7.34 -11.70
CA LYS A 40 -3.45 8.71 -11.28
C LYS A 40 -3.01 8.91 -9.84
N LEU A 41 -2.65 10.16 -9.53
CA LEU A 41 -2.42 10.60 -8.16
C LEU A 41 -3.72 11.15 -7.61
N CYS A 42 -4.24 10.52 -6.56
CA CYS A 42 -5.58 10.83 -6.08
C CYS A 42 -5.57 11.11 -4.59
N ARG A 43 -6.67 11.70 -4.12
CA ARG A 43 -6.81 12.10 -2.73
C ARG A 43 -6.82 10.87 -1.82
N LEU A 44 -6.46 11.09 -0.56
CA LEU A 44 -6.30 10.02 0.42
C LEU A 44 -7.18 10.33 1.62
N LYS A 45 -8.24 9.55 1.80
CA LYS A 45 -9.24 9.79 2.84
C LYS A 45 -9.77 11.21 2.75
N GLY A 46 -9.93 11.69 1.52
CA GLY A 46 -10.52 12.99 1.26
C GLY A 46 -9.57 14.16 1.27
N ILE A 47 -8.26 13.93 1.37
CA ILE A 47 -7.28 15.01 1.47
C ILE A 47 -6.34 14.92 0.28
N ALA A 48 -6.22 16.02 -0.45
CA ALA A 48 -5.31 16.07 -1.60
C ALA A 48 -3.86 15.98 -1.13
N PRO A 49 -2.97 15.48 -1.99
CA PRO A 49 -1.54 15.50 -1.64
C PRO A 49 -0.95 16.90 -1.73
N LEU A 50 0.32 17.04 -1.39
CA LEU A 50 1.07 18.26 -1.64
C LEU A 50 2.07 17.98 -2.75
N GLN A 51 1.90 18.65 -3.88
CA GLN A 51 2.78 18.49 -5.03
C GLN A 51 3.75 19.66 -5.08
N LEU A 52 5.04 19.36 -5.26
CA LEU A 52 6.07 20.37 -5.27
C LEU A 52 6.51 20.78 -6.66
N GLY A 53 6.02 20.12 -7.70
CA GLY A 53 6.34 20.48 -9.07
C GLY A 53 7.82 20.43 -9.41
N LYS A 54 8.37 21.58 -9.78
CA LYS A 54 9.78 21.66 -10.17
C LYS A 54 10.74 21.63 -8.99
N CYS A 55 10.23 21.77 -7.76
CA CYS A 55 11.06 21.81 -6.58
C CYS A 55 11.08 20.46 -5.87
N ASN A 56 12.18 20.19 -5.18
CA ASN A 56 12.25 19.09 -4.24
C ASN A 56 11.93 19.63 -2.85
N ILE A 57 12.18 18.83 -1.81
CA ILE A 57 11.89 19.29 -0.44
C ILE A 57 12.78 20.46 -0.07
N ALA A 58 14.07 20.37 -0.40
CA ALA A 58 15.01 21.42 -0.02
C ALA A 58 14.68 22.74 -0.70
N GLY A 59 14.39 22.70 -2.00
CA GLY A 59 14.05 23.92 -2.71
C GLY A 59 12.79 24.58 -2.19
N TRP A 60 11.77 23.77 -1.89
CA TRP A 60 10.53 24.31 -1.35
C TRP A 60 10.75 24.94 0.02
N LEU A 61 11.43 24.22 0.92
CA LEU A 61 11.63 24.71 2.27
C LEU A 61 12.48 25.98 2.27
N LEU A 62 13.59 25.97 1.51
CA LEU A 62 14.46 27.14 1.48
C LEU A 62 13.82 28.31 0.73
N GLY A 63 12.90 28.03 -0.18
CA GLY A 63 12.23 29.08 -0.92
C GLY A 63 12.93 29.46 -2.21
N ASN A 64 13.33 28.46 -2.99
CA ASN A 64 13.89 28.69 -4.30
C ASN A 64 12.89 29.47 -5.16
N PRO A 65 13.26 30.65 -5.68
CA PRO A 65 12.26 31.49 -6.37
C PRO A 65 11.80 30.94 -7.71
N GLU A 66 12.47 29.93 -8.27
CA GLU A 66 12.05 29.35 -9.53
C GLU A 66 10.79 28.52 -9.41
N CYS A 67 10.26 28.33 -8.21
CA CYS A 67 9.14 27.42 -7.98
C CYS A 67 7.90 28.24 -7.64
N ASP A 68 6.80 27.92 -8.32
CA ASP A 68 5.51 28.60 -8.16
C ASP A 68 5.12 28.61 -6.68
N PRO A 69 5.06 29.77 -6.06
CA PRO A 69 4.83 29.82 -4.61
C PRO A 69 3.51 29.20 -4.21
N LEU A 70 3.49 28.60 -3.03
CA LEU A 70 2.32 27.94 -2.49
C LEU A 70 1.59 28.85 -1.51
N LEU A 71 0.30 28.58 -1.34
CA LEU A 71 -0.53 29.37 -0.44
C LEU A 71 0.05 29.33 0.98
N PRO A 72 -0.23 30.36 1.79
CA PRO A 72 0.46 30.46 3.09
C PRO A 72 0.19 29.29 4.03
N VAL A 73 -1.01 28.74 4.01
CA VAL A 73 -1.38 27.59 4.85
C VAL A 73 -1.76 26.44 3.93
N ARG A 74 -1.13 25.29 4.14
CA ARG A 74 -1.43 24.11 3.33
C ARG A 74 -1.48 22.88 4.22
N SER A 75 -2.32 21.92 3.84
CA SER A 75 -2.47 20.66 4.56
C SER A 75 -2.71 19.55 3.55
N TRP A 76 -1.98 18.45 3.70
CA TRP A 76 -1.95 17.38 2.72
C TRP A 76 -2.03 16.03 3.43
N SER A 77 -2.18 14.98 2.63
CA SER A 77 -2.14 13.62 3.13
C SER A 77 -0.85 12.89 2.76
N TYR A 78 -0.10 13.37 1.78
CA TYR A 78 1.20 12.82 1.43
C TYR A 78 1.90 13.79 0.47
N ILE A 79 3.23 13.76 0.48
CA ILE A 79 4.06 14.65 -0.33
C ILE A 79 4.53 13.89 -1.56
N VAL A 80 4.56 14.58 -2.70
CA VAL A 80 5.00 14.01 -3.96
C VAL A 80 6.12 14.87 -4.51
N GLU A 81 7.31 14.30 -4.59
CA GLU A 81 8.39 14.89 -5.38
C GLU A 81 8.35 14.31 -6.78
N THR A 82 8.78 15.08 -7.74
CA THR A 82 8.81 14.45 -9.04
C THR A 82 10.24 14.05 -9.40
N PRO A 83 10.40 12.99 -10.21
CA PRO A 83 11.72 12.33 -10.32
C PRO A 83 12.92 13.25 -10.49
N ASN A 84 12.84 14.27 -11.35
CA ASN A 84 13.99 15.11 -11.68
C ASN A 84 13.60 16.58 -11.49
N SER A 85 13.32 16.95 -10.24
CA SER A 85 12.99 18.33 -9.88
C SER A 85 14.24 19.18 -10.01
N GLU A 86 14.30 19.99 -11.07
CA GLU A 86 15.50 20.75 -11.38
C GLU A 86 15.87 21.72 -10.26
N ASN A 87 14.89 22.25 -9.55
CA ASN A 87 15.11 23.29 -8.56
C ASN A 87 15.24 22.68 -7.17
N GLY A 88 16.32 23.03 -6.49
CA GLY A 88 16.56 22.61 -5.12
C GLY A 88 17.47 23.58 -4.39
N ILE A 89 18.60 23.09 -3.91
CA ILE A 89 19.63 23.95 -3.35
C ILE A 89 20.31 24.68 -4.50
N CYS A 90 19.98 25.95 -4.70
CA CYS A 90 20.44 26.67 -5.88
C CYS A 90 21.77 27.37 -5.67
N TYR A 91 22.07 27.82 -4.42
CA TYR A 91 23.43 28.25 -4.12
C TYR A 91 24.18 27.09 -3.46
N PRO A 92 25.36 26.73 -3.96
CA PRO A 92 25.96 25.45 -3.55
C PRO A 92 26.28 25.40 -2.06
N GLY A 93 26.28 24.20 -1.53
CA GLY A 93 26.44 23.97 -0.10
C GLY A 93 25.73 22.68 0.30
N ASP A 94 25.92 22.30 1.56
CA ASP A 94 25.33 21.09 2.09
C ASP A 94 24.18 21.42 3.03
N PHE A 95 23.11 20.63 2.91
CA PHE A 95 21.91 20.76 3.75
C PHE A 95 22.10 19.85 4.95
N ILE A 96 22.48 20.42 6.09
CA ILE A 96 22.92 19.61 7.23
C ILE A 96 21.72 18.89 7.85
N ASP A 97 21.87 17.58 8.04
CA ASP A 97 20.81 16.72 8.58
C ASP A 97 19.55 16.82 7.74
N TYR A 98 19.72 16.83 6.41
CA TYR A 98 18.59 16.96 5.50
C TYR A 98 17.69 15.74 5.56
N GLU A 99 18.29 14.54 5.58
CA GLU A 99 17.51 13.31 5.58
C GLU A 99 16.64 13.21 6.82
N GLU A 100 17.18 13.62 7.98
CA GLU A 100 16.38 13.66 9.20
C GLU A 100 15.20 14.59 9.07
N LEU A 101 15.38 15.72 8.36
CA LEU A 101 14.29 16.65 8.16
C LEU A 101 13.22 16.06 7.24
N ARG A 102 13.64 15.36 6.19
CA ARG A 102 12.70 14.62 5.36
C ARG A 102 11.88 13.66 6.21
N GLU A 103 12.55 12.93 7.11
CA GLU A 103 11.85 11.99 7.97
C GLU A 103 10.88 12.71 8.90
N GLN A 104 11.26 13.89 9.40
CA GLN A 104 10.35 14.68 10.22
C GLN A 104 9.09 15.04 9.45
N LEU A 105 9.26 15.60 8.24
CA LEU A 105 8.10 15.99 7.45
C LEU A 105 7.30 14.79 6.95
N SER A 106 7.86 13.59 7.02
CA SER A 106 7.10 12.39 6.70
C SER A 106 5.92 12.16 7.65
N SER A 107 5.86 12.88 8.77
CA SER A 107 4.73 12.79 9.69
C SER A 107 4.07 14.15 9.93
N VAL A 108 4.32 15.11 9.04
CA VAL A 108 3.72 16.44 9.12
C VAL A 108 2.50 16.47 8.21
N SER A 109 1.42 17.06 8.70
CA SER A 109 0.17 17.16 7.95
C SER A 109 -0.21 18.59 7.61
N SER A 110 0.54 19.58 8.11
CA SER A 110 0.12 20.96 8.00
C SER A 110 1.34 21.87 8.02
N PHE A 111 1.23 22.99 7.33
CA PHE A 111 2.19 24.07 7.52
C PHE A 111 1.48 25.41 7.36
N GLU A 112 1.88 26.36 8.20
CA GLU A 112 1.60 27.76 8.03
C GLU A 112 2.91 28.48 7.80
N ARG A 113 3.10 29.02 6.60
CA ARG A 113 4.28 29.83 6.33
C ARG A 113 4.03 31.24 6.84
N PHE A 114 4.80 31.65 7.84
CA PHE A 114 4.63 32.95 8.46
C PHE A 114 5.98 33.66 8.57
N GLU A 115 5.92 34.99 8.49
CA GLU A 115 7.11 35.82 8.66
C GLU A 115 7.56 35.78 10.11
N ILE A 116 8.78 35.31 10.35
CA ILE A 116 9.35 35.25 11.70
C ILE A 116 10.20 36.47 12.01
N PHE A 117 10.92 36.98 11.01
CA PHE A 117 11.73 38.19 11.16
C PHE A 117 11.51 39.03 9.91
N PRO A 118 10.67 40.07 9.99
CA PRO A 118 10.43 40.92 8.82
C PRO A 118 11.72 41.55 8.30
N LYS A 119 11.79 41.69 6.98
CA LYS A 119 13.00 42.16 6.32
C LYS A 119 13.40 43.56 6.79
N GLU A 120 12.43 44.40 7.12
CA GLU A 120 12.68 45.83 7.29
C GLU A 120 12.81 46.26 8.75
N SER A 121 12.67 45.35 9.71
CA SER A 121 12.68 45.76 11.11
C SER A 121 13.48 44.84 12.03
N SER A 122 14.06 43.76 11.53
CA SER A 122 14.71 42.78 12.39
C SER A 122 16.22 42.94 12.47
N TRP A 123 16.86 43.44 11.42
CA TRP A 123 18.32 43.56 11.36
C TRP A 123 18.70 44.99 10.99
N PRO A 124 18.52 45.94 11.89
CA PRO A 124 18.91 47.32 11.60
C PRO A 124 20.41 47.46 11.49
N ASN A 125 20.83 48.50 10.75
CA ASN A 125 22.24 48.80 10.48
C ASN A 125 22.92 47.68 9.70
N HIS A 126 22.14 46.86 9.01
CA HIS A 126 22.66 45.85 8.09
C HIS A 126 21.85 45.92 6.80
N ASN A 127 22.47 45.46 5.71
CA ASN A 127 21.85 45.50 4.40
C ASN A 127 21.21 44.14 4.10
N THR A 128 19.96 44.19 3.63
CA THR A 128 19.13 42.99 3.46
C THR A 128 18.83 42.70 1.99
N ASN A 129 19.66 43.20 1.08
CA ASN A 129 19.36 43.16 -0.35
C ASN A 129 20.26 42.22 -1.14
N GLY A 130 21.05 41.39 -0.46
CA GLY A 130 21.97 40.53 -1.17
C GLY A 130 21.25 39.54 -2.06
N VAL A 131 21.78 39.37 -3.28
CA VAL A 131 21.27 38.40 -4.24
C VAL A 131 22.45 37.70 -4.90
N THR A 132 22.15 36.70 -5.71
CA THR A 132 23.18 35.94 -6.41
C THR A 132 22.58 35.34 -7.67
N ALA A 133 23.45 35.10 -8.66
CA ALA A 133 23.04 34.50 -9.91
C ALA A 133 22.82 32.99 -9.82
N ALA A 134 23.39 32.36 -8.78
CA ALA A 134 23.18 30.91 -8.61
C ALA A 134 21.72 30.59 -8.37
N CYS A 135 20.97 31.53 -7.79
CA CYS A 135 19.55 31.34 -7.54
C CYS A 135 18.72 32.35 -8.33
N SER A 136 18.92 32.39 -9.64
CA SER A 136 18.28 33.41 -10.46
C SER A 136 16.80 33.10 -10.67
N HIS A 137 16.00 34.16 -10.74
CA HIS A 137 14.58 34.07 -11.07
C HIS A 137 14.23 35.19 -12.03
N GLU A 138 13.60 34.84 -13.15
CA GLU A 138 13.29 35.79 -14.22
C GLU A 138 14.56 36.44 -14.76
N GLY A 139 15.59 35.62 -14.99
CA GLY A 139 16.80 36.09 -15.62
C GLY A 139 17.79 36.79 -14.71
N LYS A 140 17.28 37.59 -13.78
CA LYS A 140 18.14 38.37 -12.90
C LYS A 140 18.44 37.61 -11.61
N SER A 141 19.52 38.03 -10.95
CA SER A 141 19.98 37.35 -9.75
C SER A 141 19.02 37.60 -8.58
N SER A 142 18.81 36.55 -7.79
CA SER A 142 17.79 36.60 -6.74
C SER A 142 18.30 35.83 -5.53
N PHE A 143 17.38 35.45 -4.65
CA PHE A 143 17.73 34.75 -3.42
C PHE A 143 16.50 34.04 -2.87
N TYR A 144 16.73 33.17 -1.88
CA TYR A 144 15.67 32.37 -1.30
C TYR A 144 14.56 33.26 -0.72
N ARG A 145 13.31 32.83 -0.91
CA ARG A 145 12.18 33.59 -0.42
C ARG A 145 12.05 33.54 1.10
N ASN A 146 12.61 32.52 1.75
CA ASN A 146 12.46 32.33 3.18
C ASN A 146 13.67 32.74 3.99
N LEU A 147 14.79 33.06 3.33
CA LEU A 147 15.99 33.54 4.00
C LEU A 147 16.30 34.95 3.52
N LEU A 148 17.29 35.56 4.19
CA LEU A 148 17.66 36.94 3.93
C LEU A 148 19.16 37.10 4.06
N TRP A 149 19.81 37.61 3.02
CA TRP A 149 21.25 37.77 3.02
C TRP A 149 21.62 39.05 3.76
N LEU A 150 22.26 38.90 4.92
CA LEU A 150 22.66 40.04 5.74
C LEU A 150 24.11 40.39 5.41
N THR A 151 24.31 41.60 4.89
CA THR A 151 25.63 42.08 4.48
C THR A 151 25.99 43.33 5.27
N GLU A 152 27.22 43.81 5.05
CA GLU A 152 27.66 45.05 5.68
C GLU A 152 26.93 46.24 5.05
N LYS A 153 26.70 47.27 5.87
CA LYS A 153 26.09 48.51 5.42
C LYS A 153 27.00 49.67 5.80
N GLU A 154 27.34 50.50 4.81
CA GLU A 154 28.21 51.66 5.01
C GLU A 154 29.54 51.28 5.63
N GLY A 155 30.05 50.10 5.28
CA GLY A 155 31.37 49.67 5.68
C GLY A 155 31.48 49.00 7.04
N SER A 156 30.37 48.85 7.77
CA SER A 156 30.41 48.26 9.10
C SER A 156 29.31 47.22 9.25
N TYR A 157 29.65 46.13 9.95
CA TYR A 157 28.72 45.05 10.27
C TYR A 157 28.56 45.01 11.78
N PRO A 158 27.63 45.76 12.35
CA PRO A 158 27.43 45.72 13.80
C PRO A 158 26.95 44.34 14.23
N LYS A 159 27.30 43.97 15.47
CA LYS A 159 26.84 42.70 16.02
C LYS A 159 25.33 42.74 16.19
N LEU A 160 24.62 41.89 15.46
CA LEU A 160 23.18 41.77 15.58
C LEU A 160 22.81 40.63 16.51
N LYS A 161 21.65 40.76 17.14
CA LYS A 161 21.14 39.71 18.02
C LYS A 161 19.63 39.88 18.11
N ASN A 162 18.88 38.92 17.56
CA ASN A 162 17.43 38.98 17.56
C ASN A 162 16.86 37.69 18.12
N SER A 163 15.56 37.71 18.38
CA SER A 163 14.90 36.64 19.12
C SER A 163 13.50 36.42 18.58
N TYR A 164 13.03 35.18 18.67
CA TYR A 164 11.63 34.85 18.41
C TYR A 164 11.12 33.92 19.51
N VAL A 165 9.87 34.14 19.92
CA VAL A 165 9.20 33.31 20.91
C VAL A 165 8.01 32.65 20.23
N ASN A 166 7.93 31.33 20.35
CA ASN A 166 6.93 30.54 19.63
C ASN A 166 5.59 30.62 20.37
N LYS A 167 4.70 31.47 19.86
CA LYS A 167 3.33 31.55 20.39
C LYS A 167 2.34 31.06 19.34
N LYS A 168 2.64 29.93 18.71
CA LYS A 168 1.77 29.34 17.70
C LYS A 168 1.09 28.06 18.18
N GLY A 169 1.38 27.62 19.41
CA GLY A 169 0.83 26.38 19.92
C GLY A 169 1.29 25.13 19.21
N LYS A 170 2.20 25.24 18.25
CA LYS A 170 2.69 24.12 17.48
C LYS A 170 4.20 24.25 17.33
N GLU A 171 4.84 23.17 16.89
CA GLU A 171 6.24 23.24 16.50
C GLU A 171 6.41 24.25 15.38
N VAL A 172 7.46 25.05 15.45
CA VAL A 172 7.80 25.93 14.34
C VAL A 172 9.17 25.52 13.82
N LEU A 173 9.22 25.12 12.56
CA LEU A 173 10.47 24.75 11.90
C LEU A 173 11.16 26.01 11.42
N VAL A 174 12.40 26.24 11.87
CA VAL A 174 13.17 27.41 11.51
C VAL A 174 14.41 26.94 10.76
N LEU A 175 14.67 27.57 9.61
CA LEU A 175 15.85 27.28 8.80
C LEU A 175 16.69 28.54 8.65
N TRP A 176 17.99 28.33 8.44
CA TRP A 176 18.92 29.43 8.19
C TRP A 176 20.12 28.87 7.44
N GLY A 177 21.05 29.76 7.10
CA GLY A 177 22.24 29.36 6.37
C GLY A 177 23.44 30.18 6.79
N ILE A 178 24.61 29.59 6.65
CA ILE A 178 25.89 30.23 6.96
C ILE A 178 26.73 30.24 5.70
N HIS A 179 27.30 31.40 5.37
CA HIS A 179 28.06 31.59 4.16
C HIS A 179 29.55 31.29 4.39
N HIS A 180 30.20 30.74 3.36
CA HIS A 180 31.63 30.46 3.38
C HIS A 180 32.21 31.02 2.09
N PRO A 181 32.73 32.24 2.13
CA PRO A 181 33.34 32.85 0.94
C PRO A 181 34.58 32.08 0.50
N PRO A 182 34.98 32.21 -0.77
CA PRO A 182 36.14 31.44 -1.26
C PRO A 182 37.46 32.01 -0.79
N ASN A 183 37.55 33.34 -0.71
CA ASN A 183 38.77 34.01 -0.29
C ASN A 183 38.45 34.95 0.86
N SER A 184 39.49 35.29 1.64
CA SER A 184 39.31 36.19 2.78
C SER A 184 38.83 37.55 2.31
N LYS A 185 39.36 38.04 1.18
CA LYS A 185 38.98 39.36 0.68
C LYS A 185 37.46 39.49 0.54
N GLU A 186 36.80 38.44 0.06
CA GLU A 186 35.35 38.48 -0.04
C GLU A 186 34.70 38.59 1.34
N GLN A 187 35.18 37.80 2.31
CA GLN A 187 34.62 37.89 3.66
C GLN A 187 34.79 39.30 4.21
N GLN A 188 35.91 39.94 3.91
CA GLN A 188 36.12 41.34 4.29
C GLN A 188 35.07 42.24 3.64
N ASN A 189 34.93 42.15 2.31
CA ASN A 189 34.05 43.06 1.60
C ASN A 189 32.57 42.79 1.87
N LEU A 190 32.24 41.61 2.40
CA LEU A 190 30.86 41.23 2.66
C LEU A 190 30.45 41.42 4.11
N TYR A 191 31.34 41.17 5.07
CA TYR A 191 30.99 41.27 6.49
C TYR A 191 32.03 42.00 7.33
N GLN A 192 33.16 42.40 6.78
CA GLN A 192 34.15 43.32 7.33
C GLN A 192 34.97 42.72 8.49
N ASN A 193 34.58 41.59 9.06
CA ASN A 193 35.33 40.98 10.16
C ASN A 193 35.75 39.58 9.72
N GLU A 194 37.08 39.35 9.65
CA GLU A 194 37.54 38.04 9.17
C GLU A 194 37.19 36.92 10.14
N ASN A 195 37.20 37.19 11.44
CA ASN A 195 36.89 36.18 12.44
C ASN A 195 35.46 36.31 12.93
N ALA A 196 34.51 36.32 12.00
CA ALA A 196 33.10 36.43 12.36
C ALA A 196 32.61 35.13 12.99
N TYR A 197 31.43 35.21 13.59
CA TYR A 197 30.84 34.06 14.26
C TYR A 197 29.33 34.24 14.33
N VAL A 198 28.62 33.12 14.23
CA VAL A 198 27.18 33.09 14.40
C VAL A 198 26.85 32.10 15.51
N SER A 199 25.78 32.39 16.25
CA SER A 199 25.33 31.56 17.35
C SER A 199 23.82 31.45 17.27
N VAL A 200 23.30 30.22 17.28
CA VAL A 200 21.87 29.98 17.26
C VAL A 200 21.53 29.09 18.45
N VAL A 201 20.57 29.54 19.27
CA VAL A 201 20.27 28.91 20.54
C VAL A 201 18.77 28.73 20.69
N THR A 202 18.36 27.61 21.29
CA THR A 202 17.03 27.46 21.87
C THR A 202 17.23 26.89 23.26
N SER A 203 16.20 26.26 23.82
CA SER A 203 16.35 25.62 25.12
C SER A 203 17.02 24.25 25.00
N ASN A 204 16.88 23.58 23.86
CA ASN A 204 17.48 22.28 23.63
C ASN A 204 18.40 22.22 22.42
N TYR A 205 18.49 23.30 21.64
CA TYR A 205 19.40 23.39 20.51
C TYR A 205 20.48 24.43 20.83
N ASN A 206 21.68 24.19 20.30
CA ASN A 206 22.82 25.06 20.60
C ASN A 206 23.88 24.82 19.53
N ARG A 207 24.17 25.82 18.71
CA ARG A 207 25.26 25.66 17.76
C ARG A 207 25.95 27.00 17.50
N ARG A 208 27.26 26.92 17.27
CA ARG A 208 28.11 28.06 16.97
C ARG A 208 28.87 27.79 15.67
N PHE A 209 28.75 28.71 14.72
CA PHE A 209 29.34 28.58 13.39
C PHE A 209 30.40 29.64 13.19
N THR A 210 31.48 29.27 12.52
CA THR A 210 32.54 30.20 12.15
C THR A 210 32.87 29.98 10.68
N PRO A 211 32.91 31.03 9.86
CA PRO A 211 33.13 30.85 8.43
C PRO A 211 34.45 30.16 8.13
N GLU A 212 34.39 29.13 7.31
CA GLU A 212 35.56 28.38 6.87
C GLU A 212 35.89 28.82 5.44
N ILE A 213 36.97 29.55 5.28
CA ILE A 213 37.34 30.16 4.00
C ILE A 213 38.32 29.24 3.29
N ALA A 214 37.93 28.76 2.11
CA ALA A 214 38.80 27.94 1.29
C ALA A 214 38.31 27.98 -0.14
N GLU A 215 39.24 28.08 -1.09
CA GLU A 215 38.90 28.05 -2.50
C GLU A 215 38.37 26.67 -2.88
N ARG A 216 37.15 26.64 -3.42
CA ARG A 216 36.52 25.38 -3.78
C ARG A 216 36.19 25.34 -5.26
N PRO A 217 36.20 24.16 -5.86
CA PRO A 217 35.77 24.04 -7.27
C PRO A 217 34.39 24.66 -7.45
N LYS A 218 34.28 25.53 -8.46
CA LYS A 218 33.09 26.35 -8.61
C LYS A 218 31.91 25.52 -9.13
N VAL A 219 30.88 25.40 -8.30
CA VAL A 219 29.63 24.72 -8.65
C VAL A 219 28.59 25.80 -8.91
N ARG A 220 27.87 25.67 -10.02
CA ARG A 220 27.01 26.75 -10.51
C ARG A 220 27.78 28.05 -10.47
N ASP A 221 29.07 27.93 -10.80
CA ASP A 221 30.02 29.02 -10.89
C ASP A 221 30.05 29.83 -9.60
N GLN A 222 30.18 29.10 -8.49
CA GLN A 222 30.38 29.68 -7.17
C GLN A 222 31.52 28.93 -6.49
N ALA A 223 32.61 29.64 -6.19
CA ALA A 223 33.74 29.03 -5.51
C ALA A 223 33.57 28.99 -3.99
N GLY A 224 32.71 29.85 -3.45
CA GLY A 224 32.30 29.75 -2.06
C GLY A 224 30.96 29.03 -1.96
N ARG A 225 30.65 28.56 -0.76
CA ARG A 225 29.44 27.76 -0.58
C ARG A 225 28.62 28.31 0.59
N MET A 226 27.54 27.61 0.91
CA MET A 226 26.55 28.12 1.84
C MET A 226 25.85 26.93 2.50
N ASN A 227 26.15 26.68 3.76
CA ASN A 227 25.54 25.56 4.47
C ASN A 227 24.18 25.97 5.01
N TYR A 228 23.28 25.00 5.11
CA TYR A 228 21.91 25.24 5.56
C TYR A 228 21.61 24.37 6.78
N TYR A 229 21.03 24.98 7.80
CA TYR A 229 20.71 24.31 9.05
C TYR A 229 19.27 24.59 9.43
N TRP A 230 18.73 23.75 10.31
CA TRP A 230 17.32 23.82 10.68
C TRP A 230 17.15 23.34 12.11
N THR A 231 15.99 23.67 12.69
CA THR A 231 15.63 23.19 14.01
C THR A 231 14.13 23.33 14.21
N LEU A 232 13.62 22.57 15.17
CA LEU A 232 12.20 22.56 15.51
C LEU A 232 12.03 23.24 16.87
N LEU A 233 11.60 24.49 16.85
CA LEU A 233 11.35 25.25 18.07
C LEU A 233 10.02 24.78 18.65
N LYS A 234 10.07 24.18 19.85
CA LYS A 234 8.89 23.67 20.51
C LYS A 234 7.98 24.80 20.95
N PRO A 235 6.70 24.51 21.17
CA PRO A 235 5.78 25.56 21.64
C PRO A 235 6.23 26.16 22.96
N GLY A 236 6.31 27.48 23.00
CA GLY A 236 6.71 28.20 24.18
C GLY A 236 8.19 28.53 24.26
N ASP A 237 9.03 27.82 23.52
CA ASP A 237 10.46 28.05 23.57
C ASP A 237 10.84 29.26 22.72
N THR A 238 12.07 29.74 22.92
CA THR A 238 12.61 30.91 22.25
C THR A 238 13.84 30.51 21.43
N ILE A 239 13.92 31.02 20.21
CA ILE A 239 15.12 30.90 19.39
C ILE A 239 15.82 32.24 19.35
N ILE A 240 17.14 32.21 19.50
CA ILE A 240 17.98 33.41 19.57
C ILE A 240 19.06 33.28 18.51
N PHE A 241 19.19 34.32 17.69
CA PHE A 241 20.26 34.44 16.72
C PHE A 241 21.17 35.59 17.12
N GLU A 242 22.48 35.35 17.08
CA GLU A 242 23.46 36.41 17.34
C GLU A 242 24.62 36.25 16.38
N ALA A 243 24.99 37.32 15.69
CA ALA A 243 26.03 37.18 14.68
C ALA A 243 26.73 38.52 14.46
N ASN A 244 27.89 38.45 13.80
CA ASN A 244 28.62 39.61 13.35
C ASN A 244 29.11 39.41 11.92
N GLY A 245 28.43 38.57 11.16
CA GLY A 245 28.78 38.28 9.78
C GLY A 245 28.40 36.87 9.41
N ASN A 246 28.32 36.63 8.10
CA ASN A 246 28.16 35.30 7.50
C ASN A 246 26.80 34.66 7.73
N LEU A 247 25.94 35.29 8.53
CA LEU A 247 24.63 34.72 8.80
C LEU A 247 23.68 34.99 7.64
N ILE A 248 22.99 33.95 7.20
CA ILE A 248 21.86 34.08 6.28
C ILE A 248 20.60 33.96 7.14
N ALA A 249 20.02 35.11 7.47
CA ALA A 249 19.00 35.15 8.50
C ALA A 249 17.71 34.48 8.04
N PRO A 250 16.94 33.92 8.97
CA PRO A 250 15.60 33.44 8.61
C PRO A 250 14.64 34.60 8.45
N MET A 251 13.75 34.48 7.46
CA MET A 251 12.68 35.45 7.27
C MET A 251 11.31 34.82 7.45
N TYR A 252 11.05 33.70 6.79
CA TYR A 252 9.79 32.97 6.93
C TYR A 252 10.07 31.60 7.54
N ALA A 253 9.19 31.19 8.45
CA ALA A 253 9.28 29.90 9.11
C ALA A 253 7.96 29.17 8.95
N PHE A 254 7.89 27.94 9.47
CA PHE A 254 6.74 27.07 9.27
C PHE A 254 6.23 26.57 10.61
N ALA A 255 4.92 26.70 10.84
CA ALA A 255 4.26 26.13 12.00
C ALA A 255 3.65 24.79 11.60
N LEU A 256 4.14 23.72 12.21
CA LEU A 256 3.82 22.36 11.77
C LEU A 256 2.79 21.70 12.68
N SER A 257 1.96 20.86 12.08
CA SER A 257 1.08 19.97 12.81
C SER A 257 1.42 18.53 12.44
N ARG A 258 1.28 17.63 13.40
CA ARG A 258 1.62 16.24 13.22
C ARG A 258 0.37 15.41 12.95
N GLY A 259 0.49 14.45 12.03
CA GLY A 259 -0.62 13.57 11.70
C GLY A 259 -0.18 12.12 11.58
N PHE A 260 -1.06 11.26 11.09
CA PHE A 260 -0.78 9.84 10.95
C PHE A 260 -1.00 9.38 9.52
N GLY A 261 -0.15 8.47 9.07
CA GLY A 261 -0.36 7.76 7.83
C GLY A 261 0.23 8.37 6.58
N SER A 262 1.05 9.40 6.70
CA SER A 262 1.55 10.12 5.54
C SER A 262 2.92 9.61 5.12
N GLY A 263 3.53 10.28 4.15
CA GLY A 263 4.83 9.91 3.65
C GLY A 263 5.20 10.72 2.43
N ILE A 264 6.39 10.43 1.91
CA ILE A 264 6.94 11.11 0.73
C ILE A 264 7.13 10.07 -0.36
N ILE A 265 6.64 10.37 -1.57
CA ILE A 265 6.81 9.49 -2.72
C ILE A 265 7.33 10.29 -3.90
N THR A 266 8.13 9.63 -4.73
CA THR A 266 8.53 10.16 -6.02
C THR A 266 7.65 9.55 -7.09
N SER A 267 7.02 10.40 -7.90
CA SER A 267 6.05 9.93 -8.88
C SER A 267 5.93 10.97 -9.98
N ASN A 268 5.87 10.51 -11.22
CA ASN A 268 5.57 11.39 -12.35
C ASN A 268 4.17 11.12 -12.91
N ALA A 269 3.25 10.74 -12.02
CA ALA A 269 1.83 10.71 -12.32
C ALA A 269 1.20 12.04 -11.94
N SER A 270 0.04 12.32 -12.53
CA SER A 270 -0.61 13.61 -12.40
C SER A 270 -1.85 13.53 -11.52
N MET A 271 -2.12 14.61 -10.81
CA MET A 271 -3.27 14.69 -9.93
C MET A 271 -4.56 14.74 -10.74
N HIS A 272 -5.52 13.90 -10.38
CA HIS A 272 -6.86 13.93 -10.94
C HIS A 272 -7.86 14.14 -9.81
N GLU A 273 -9.10 14.49 -10.18
CA GLU A 273 -10.18 14.63 -9.22
C GLU A 273 -10.70 13.22 -8.92
N CYS A 274 -10.14 12.62 -7.88
CA CYS A 274 -10.41 11.22 -7.56
C CYS A 274 -10.07 11.00 -6.09
N ASN A 275 -10.41 9.82 -5.59
CA ASN A 275 -10.23 9.52 -4.17
C ASN A 275 -9.96 8.04 -3.98
N THR A 276 -8.96 7.74 -3.16
CA THR A 276 -8.57 6.37 -2.86
C THR A 276 -8.25 6.25 -1.37
N LYS A 277 -8.15 5.01 -0.91
CA LYS A 277 -7.60 4.72 0.40
C LYS A 277 -6.16 4.27 0.31
N CYS A 278 -5.66 4.09 -0.91
CA CYS A 278 -4.32 3.53 -1.11
C CYS A 278 -3.68 4.16 -2.33
N GLN A 279 -2.57 4.86 -2.11
CA GLN A 279 -1.82 5.48 -3.19
C GLN A 279 -0.44 4.86 -3.32
N THR A 280 -0.03 4.60 -4.56
CA THR A 280 1.30 4.16 -4.94
C THR A 280 1.87 5.13 -5.95
N PRO A 281 3.20 5.20 -6.08
CA PRO A 281 3.80 6.11 -7.07
C PRO A 281 3.33 5.87 -8.50
N LEU A 282 2.69 4.73 -8.77
CA LEU A 282 2.12 4.48 -10.09
C LEU A 282 0.65 4.85 -10.18
N GLY A 283 -0.10 4.75 -9.09
CA GLY A 283 -1.53 5.02 -9.12
C GLY A 283 -2.21 4.52 -7.87
N ALA A 284 -3.54 4.61 -7.89
CA ALA A 284 -4.34 4.23 -6.75
C ALA A 284 -4.64 2.73 -6.77
N ILE A 285 -4.99 2.20 -5.59
CA ILE A 285 -5.34 0.79 -5.43
C ILE A 285 -6.65 0.69 -4.67
N ASN A 286 -7.50 -0.24 -5.10
CA ASN A 286 -8.60 -0.69 -4.25
C ASN A 286 -8.03 -1.54 -3.12
N SER A 287 -8.24 -1.09 -1.88
CA SER A 287 -7.75 -1.82 -0.71
C SER A 287 -8.81 -2.79 -0.20
N SER A 288 -9.12 -3.76 -1.05
CA SER A 288 -10.09 -4.81 -0.75
C SER A 288 -9.46 -6.19 -0.61
N LEU A 289 -8.48 -6.51 -1.46
CA LEU A 289 -7.73 -7.76 -1.46
C LEU A 289 -6.50 -7.65 -0.57
N PRO A 290 -6.01 -8.76 -0.03
CA PRO A 290 -4.91 -8.68 0.94
C PRO A 290 -3.54 -8.44 0.35
N TYR A 291 -3.32 -8.70 -0.94
CA TYR A 291 -2.00 -8.58 -1.54
C TYR A 291 -2.03 -7.71 -2.78
N GLN A 292 -0.85 -7.22 -3.15
CA GLN A 292 -0.68 -6.40 -4.34
C GLN A 292 0.76 -6.53 -4.82
N ASN A 293 0.95 -6.69 -6.13
CA ASN A 293 2.27 -6.74 -6.73
C ASN A 293 2.57 -5.48 -7.54
N ILE A 294 1.91 -4.38 -7.20
CA ILE A 294 2.06 -3.14 -7.95
C ILE A 294 3.34 -2.41 -7.55
N HIS A 295 3.43 -2.02 -6.28
CA HIS A 295 4.58 -1.25 -5.82
C HIS A 295 4.83 -1.47 -4.34
N PRO A 296 6.09 -1.66 -3.93
CA PRO A 296 6.39 -1.78 -2.49
C PRO A 296 6.12 -0.50 -1.72
N VAL A 297 6.11 0.65 -2.40
CA VAL A 297 5.82 1.93 -1.75
C VAL A 297 4.32 2.16 -1.79
N THR A 298 3.69 2.20 -0.62
CA THR A 298 2.27 2.47 -0.49
C THR A 298 2.03 3.50 0.59
N ILE A 299 0.92 4.23 0.47
CA ILE A 299 0.47 5.16 1.50
C ILE A 299 -1.01 4.96 1.69
N GLY A 300 -1.43 4.80 2.95
CA GLY A 300 -2.81 4.51 3.29
C GLY A 300 -3.01 3.04 3.64
N GLU A 301 -4.26 2.69 3.92
CA GLU A 301 -4.64 1.31 4.15
C GLU A 301 -4.47 0.54 2.84
N CYS A 302 -3.55 -0.41 2.80
CA CYS A 302 -3.07 -0.98 1.55
C CYS A 302 -2.76 -2.46 1.71
N PRO A 303 -2.96 -3.27 0.67
CA PRO A 303 -2.56 -4.67 0.72
C PRO A 303 -1.05 -4.80 0.87
N LYS A 304 -0.64 -5.96 1.39
CA LYS A 304 0.78 -6.25 1.55
C LYS A 304 1.42 -6.50 0.19
N TYR A 305 2.60 -5.92 -0.01
CA TYR A 305 3.31 -6.08 -1.29
C TYR A 305 4.03 -7.42 -1.33
N VAL A 306 3.90 -8.13 -2.44
CA VAL A 306 4.58 -9.39 -2.67
C VAL A 306 5.09 -9.40 -4.11
N ARG A 307 5.98 -10.36 -4.40
CA ARG A 307 6.56 -10.50 -5.73
C ARG A 307 5.73 -11.38 -6.65
N SER A 308 4.72 -12.07 -6.13
CA SER A 308 4.00 -13.08 -6.89
C SER A 308 3.26 -12.46 -8.07
N ALA A 309 3.12 -13.26 -9.13
CA ALA A 309 2.33 -12.87 -10.28
C ALA A 309 0.89 -13.36 -10.21
N LYS A 310 0.60 -14.33 -9.34
CA LYS A 310 -0.73 -14.92 -9.28
C LYS A 310 -0.96 -15.52 -7.90
N LEU A 311 -2.01 -15.07 -7.22
CA LEU A 311 -2.45 -15.64 -5.95
C LEU A 311 -3.96 -15.80 -6.04
N ARG A 312 -4.42 -17.02 -6.30
CA ARG A 312 -5.82 -17.30 -6.59
C ARG A 312 -6.29 -18.49 -5.76
N MET A 313 -7.38 -18.30 -5.03
CA MET A 313 -7.89 -19.29 -4.09
C MET A 313 -9.13 -19.94 -4.69
N VAL A 314 -9.09 -21.26 -4.88
CA VAL A 314 -10.22 -21.97 -5.43
C VAL A 314 -11.32 -22.11 -4.38
N THR A 315 -12.55 -21.83 -4.78
CA THR A 315 -13.72 -22.08 -3.95
C THR A 315 -14.62 -23.19 -4.50
N GLY A 316 -14.72 -23.28 -5.82
CA GLY A 316 -15.53 -24.31 -6.46
C GLY A 316 -14.84 -25.65 -6.50
N LEU A 317 -15.22 -26.46 -7.48
CA LEU A 317 -14.73 -27.82 -7.63
C LEU A 317 -13.79 -27.92 -8.81
N ARG A 318 -13.11 -29.07 -8.92
CA ARG A 318 -12.40 -29.40 -10.14
C ARG A 318 -13.40 -29.49 -11.28
N ASN A 319 -13.18 -28.69 -12.33
CA ASN A 319 -14.13 -28.58 -13.42
C ASN A 319 -13.92 -29.72 -14.41
N ILE A 320 -14.84 -30.68 -14.41
CA ILE A 320 -14.78 -31.83 -15.31
C ILE A 320 -16.08 -31.94 -16.09
N PRO A 321 -16.22 -31.24 -17.23
CA PRO A 321 -17.40 -31.35 -18.08
C PRO A 321 -17.20 -32.34 -19.22
N GLY B 1 -9.20 -37.74 -6.57
CA GLY B 1 -8.62 -37.01 -5.45
C GLY B 1 -8.32 -37.89 -4.26
N LEU B 2 -8.07 -37.24 -3.12
CA LEU B 2 -7.70 -37.97 -1.90
C LEU B 2 -8.80 -38.93 -1.43
N PHE B 3 -10.04 -38.72 -1.86
CA PHE B 3 -11.15 -39.54 -1.40
C PHE B 3 -11.78 -40.38 -2.51
N GLY B 4 -11.19 -40.38 -3.70
CA GLY B 4 -11.55 -41.33 -4.74
C GLY B 4 -12.82 -41.03 -5.52
N ALA B 5 -13.57 -39.99 -5.16
CA ALA B 5 -14.85 -39.71 -5.83
C ALA B 5 -14.65 -38.79 -7.03
N ILE B 6 -14.30 -37.54 -6.78
CA ILE B 6 -14.13 -36.57 -7.88
C ILE B 6 -12.92 -36.97 -8.71
N ALA B 7 -13.08 -36.98 -10.03
CA ALA B 7 -12.08 -37.49 -10.97
C ALA B 7 -11.67 -38.91 -10.64
N GLY B 8 -12.53 -39.64 -9.94
CA GLY B 8 -12.25 -41.01 -9.55
C GLY B 8 -13.32 -41.96 -10.01
N PHE B 9 -14.03 -42.63 -9.10
CA PHE B 9 -15.10 -43.51 -9.51
C PHE B 9 -16.36 -42.76 -9.95
N ILE B 10 -16.34 -41.42 -9.89
CA ILE B 10 -17.31 -40.58 -10.56
C ILE B 10 -16.50 -39.72 -11.53
N GLU B 11 -16.46 -40.14 -12.80
CA GLU B 11 -15.42 -39.68 -13.71
C GLU B 11 -15.52 -38.18 -13.99
N GLY B 12 -16.74 -37.65 -14.08
CA GLY B 12 -16.89 -36.25 -14.45
C GLY B 12 -18.06 -35.58 -13.75
N GLY B 13 -18.15 -34.27 -13.95
CA GLY B 13 -19.18 -33.47 -13.34
C GLY B 13 -20.42 -33.37 -14.20
N TRP B 14 -21.35 -32.52 -13.75
CA TRP B 14 -22.67 -32.37 -14.37
C TRP B 14 -22.91 -30.89 -14.65
N THR B 15 -22.69 -30.46 -15.90
CA THR B 15 -23.09 -29.11 -16.26
C THR B 15 -24.60 -28.93 -16.25
N GLY B 16 -25.36 -30.02 -16.33
CA GLY B 16 -26.80 -29.93 -16.24
C GLY B 16 -27.31 -29.64 -14.85
N MET B 17 -26.47 -29.80 -13.83
CA MET B 17 -26.84 -29.50 -12.44
C MET B 17 -26.36 -28.09 -12.12
N ILE B 18 -27.27 -27.12 -12.27
CA ILE B 18 -26.95 -25.72 -12.08
C ILE B 18 -27.33 -25.20 -10.69
N ASP B 19 -27.92 -26.05 -9.85
CA ASP B 19 -28.55 -25.60 -8.62
C ASP B 19 -27.78 -25.97 -7.37
N GLY B 20 -26.57 -26.51 -7.50
CA GLY B 20 -25.82 -26.90 -6.31
C GLY B 20 -24.48 -27.49 -6.68
N TRP B 21 -23.62 -27.59 -5.67
CA TRP B 21 -22.30 -28.18 -5.85
C TRP B 21 -22.36 -29.69 -5.97
N TYR B 22 -23.19 -30.33 -5.14
CA TYR B 22 -23.39 -31.76 -5.18
C TYR B 22 -24.89 -32.04 -5.28
N GLY B 23 -25.23 -33.23 -5.76
CA GLY B 23 -26.62 -33.56 -5.92
C GLY B 23 -26.80 -34.90 -6.61
N TYR B 24 -27.99 -35.07 -7.18
CA TYR B 24 -28.46 -36.34 -7.65
C TYR B 24 -29.00 -36.20 -9.07
N HIS B 25 -28.93 -37.29 -9.82
CA HIS B 25 -29.69 -37.45 -11.05
C HIS B 25 -30.53 -38.70 -10.92
N HIS B 26 -31.80 -38.60 -11.28
CA HIS B 26 -32.72 -39.71 -11.24
C HIS B 26 -33.32 -39.94 -12.63
N GLN B 27 -33.64 -41.19 -12.91
CA GLN B 27 -34.50 -41.54 -14.04
C GLN B 27 -35.42 -42.66 -13.60
N ASN B 28 -36.72 -42.38 -13.63
CA ASN B 28 -37.76 -43.38 -13.36
C ASN B 28 -38.84 -43.24 -14.43
N GLU B 29 -39.98 -43.93 -14.22
CA GLU B 29 -41.12 -43.85 -15.12
C GLU B 29 -41.48 -42.42 -15.47
N GLN B 30 -41.73 -41.62 -14.46
CA GLN B 30 -42.16 -40.23 -14.68
C GLN B 30 -41.10 -39.37 -15.30
N GLY B 31 -39.94 -39.91 -15.70
CA GLY B 31 -38.98 -39.11 -16.41
C GLY B 31 -37.63 -39.01 -15.72
N SER B 32 -36.82 -38.05 -16.14
CA SER B 32 -35.48 -37.87 -15.59
C SER B 32 -35.37 -36.50 -14.94
N GLY B 33 -34.27 -36.31 -14.22
CA GLY B 33 -34.02 -35.01 -13.62
C GLY B 33 -32.79 -34.90 -12.75
N TYR B 34 -32.24 -33.69 -12.69
CA TYR B 34 -31.22 -33.36 -11.71
C TYR B 34 -31.88 -32.75 -10.48
N ALA B 35 -31.15 -32.78 -9.37
CA ALA B 35 -31.66 -32.21 -8.12
C ALA B 35 -30.48 -31.98 -7.19
N ALA B 36 -30.17 -30.72 -6.91
CA ALA B 36 -29.06 -30.42 -6.02
C ALA B 36 -29.37 -30.89 -4.60
N ASP B 37 -28.31 -31.18 -3.86
CA ASP B 37 -28.40 -31.43 -2.42
C ASP B 37 -28.07 -30.12 -1.73
N GLN B 38 -29.10 -29.44 -1.21
CA GLN B 38 -28.92 -28.07 -0.75
C GLN B 38 -28.25 -28.00 0.63
N LYS B 39 -28.46 -29.00 1.49
CA LYS B 39 -27.86 -28.94 2.83
C LYS B 39 -26.36 -29.12 2.77
N SER B 40 -25.89 -30.12 2.01
CA SER B 40 -24.46 -30.32 1.88
C SER B 40 -23.80 -29.16 1.14
N THR B 41 -24.46 -28.67 0.08
CA THR B 41 -23.92 -27.52 -0.64
C THR B 41 -23.83 -26.29 0.26
N GLN B 42 -24.86 -26.06 1.08
CA GLN B 42 -24.85 -24.90 1.96
C GLN B 42 -23.79 -25.03 3.05
N ASN B 43 -23.61 -26.23 3.60
CA ASN B 43 -22.56 -26.43 4.59
C ASN B 43 -21.18 -26.23 3.99
N ALA B 44 -20.97 -26.73 2.77
CA ALA B 44 -19.69 -26.51 2.09
C ALA B 44 -19.46 -25.04 1.80
N ILE B 45 -20.52 -24.32 1.40
CA ILE B 45 -20.39 -22.89 1.16
C ILE B 45 -20.05 -22.15 2.45
N ASN B 46 -20.66 -22.58 3.56
CA ASN B 46 -20.30 -22.02 4.87
C ASN B 46 -18.81 -22.20 5.15
N GLY B 47 -18.33 -23.44 5.05
CA GLY B 47 -16.92 -23.70 5.36
C GLY B 47 -15.97 -22.94 4.45
N ILE B 48 -16.28 -22.88 3.16
CA ILE B 48 -15.35 -22.24 2.23
C ILE B 48 -15.41 -20.73 2.37
N THR B 49 -16.59 -20.17 2.62
CA THR B 49 -16.69 -18.76 2.96
C THR B 49 -15.83 -18.43 4.18
N ASN B 50 -15.88 -19.29 5.20
CA ASN B 50 -15.07 -19.06 6.39
C ASN B 50 -13.57 -19.10 6.07
N LYS B 51 -13.17 -20.07 5.24
CA LYS B 51 -11.77 -20.17 4.84
C LYS B 51 -11.30 -18.89 4.13
N VAL B 52 -12.07 -18.46 3.13
CA VAL B 52 -11.73 -17.23 2.41
C VAL B 52 -11.67 -16.05 3.38
N ASN B 53 -12.64 -15.95 4.29
CA ASN B 53 -12.69 -14.83 5.22
C ASN B 53 -11.44 -14.78 6.10
N THR B 54 -11.08 -15.91 6.71
CA THR B 54 -9.94 -15.90 7.61
C THR B 54 -8.64 -15.63 6.86
N VAL B 55 -8.54 -16.04 5.61
CA VAL B 55 -7.35 -15.67 4.85
C VAL B 55 -7.34 -14.17 4.55
N ILE B 56 -8.51 -13.60 4.25
CA ILE B 56 -8.57 -12.17 3.95
C ILE B 56 -8.20 -11.33 5.16
N GLU B 57 -8.59 -11.77 6.36
CA GLU B 57 -8.39 -10.95 7.55
C GLU B 57 -7.23 -11.40 8.44
N LYS B 58 -6.52 -12.47 8.09
CA LYS B 58 -5.26 -12.74 8.77
C LYS B 58 -4.23 -11.67 8.46
N MET B 59 -4.34 -11.05 7.28
CA MET B 59 -3.52 -9.92 6.89
C MET B 59 -4.30 -8.64 7.17
N ASN B 60 -3.74 -7.77 7.99
CA ASN B 60 -4.37 -6.49 8.30
C ASN B 60 -3.35 -5.36 8.29
N GLY B 67 9.66 5.51 3.85
CA GLY B 67 10.57 5.88 2.79
C GLY B 67 11.67 6.81 3.27
N LYS B 68 12.88 6.26 3.41
CA LYS B 68 14.00 6.97 4.01
C LYS B 68 15.09 7.23 2.98
N GLU B 69 15.99 8.15 3.34
CA GLU B 69 17.14 8.50 2.51
C GLU B 69 18.39 8.51 3.38
N PHE B 70 19.55 8.46 2.72
CA PHE B 70 20.81 8.30 3.42
C PHE B 70 21.91 9.04 2.68
N ASN B 71 22.73 9.80 3.40
CA ASN B 71 23.85 10.49 2.77
C ASN B 71 24.97 9.50 2.49
N LYS B 72 26.06 10.02 1.88
CA LYS B 72 27.13 9.15 1.42
C LYS B 72 27.82 8.40 2.55
N LEU B 73 27.74 8.90 3.78
CA LEU B 73 28.44 8.31 4.92
C LEU B 73 27.53 7.45 5.78
N GLU B 74 26.37 7.06 5.28
CA GLU B 74 25.44 6.20 6.00
C GLU B 74 25.10 4.96 5.18
N LYS B 75 26.12 4.38 4.55
CA LYS B 75 25.91 3.22 3.69
C LYS B 75 25.48 2.00 4.49
N ARG B 76 26.06 1.81 5.68
CA ARG B 76 25.70 0.66 6.52
C ARG B 76 24.22 0.71 6.89
N MET B 77 23.70 1.87 7.26
CA MET B 77 22.29 1.97 7.64
C MET B 77 21.39 1.80 6.41
N GLU B 78 21.80 2.33 5.26
CA GLU B 78 21.05 2.12 4.03
C GLU B 78 20.93 0.63 3.72
N ASN B 79 22.05 -0.10 3.84
CA ASN B 79 22.03 -1.52 3.53
C ASN B 79 21.24 -2.30 4.56
N LEU B 80 21.26 -1.89 5.84
CA LEU B 80 20.43 -2.57 6.83
C LEU B 80 18.95 -2.35 6.55
N ASN B 81 18.57 -1.12 6.18
CA ASN B 81 17.17 -0.85 5.82
C ASN B 81 16.75 -1.70 4.62
N LYS B 82 17.62 -1.80 3.62
CA LYS B 82 17.28 -2.62 2.45
C LYS B 82 17.20 -4.09 2.80
N LYS B 83 18.09 -4.56 3.69
CA LYS B 83 18.01 -5.94 4.15
C LYS B 83 16.69 -6.21 4.86
N VAL B 84 16.24 -5.26 5.69
CA VAL B 84 14.98 -5.42 6.39
C VAL B 84 13.81 -5.51 5.41
N ASP B 85 13.74 -4.55 4.49
CA ASP B 85 12.66 -4.56 3.50
C ASP B 85 12.67 -5.85 2.70
N ASP B 86 13.85 -6.28 2.24
CA ASP B 86 13.94 -7.49 1.41
C ASP B 86 13.55 -8.73 2.20
N GLY B 87 13.98 -8.82 3.47
CA GLY B 87 13.63 -9.98 4.26
C GLY B 87 12.14 -10.09 4.51
N PHE B 88 11.51 -8.96 4.86
CA PHE B 88 10.05 -8.99 5.04
C PHE B 88 9.34 -9.35 3.74
N LEU B 89 9.83 -8.84 2.60
CA LEU B 89 9.24 -9.17 1.32
C LEU B 89 9.36 -10.66 1.03
N ASP B 90 10.55 -11.24 1.27
CA ASP B 90 10.75 -12.67 1.09
C ASP B 90 9.77 -13.47 1.95
N ILE B 91 9.69 -13.13 3.23
CA ILE B 91 8.83 -13.88 4.15
C ILE B 91 7.38 -13.82 3.69
N TRP B 92 6.92 -12.64 3.28
CA TRP B 92 5.50 -12.51 2.96
C TRP B 92 5.13 -13.14 1.62
N THR B 93 6.02 -13.03 0.63
CA THR B 93 5.79 -13.76 -0.63
C THR B 93 5.73 -15.26 -0.37
N TYR B 94 6.70 -15.77 0.38
CA TYR B 94 6.72 -17.19 0.73
C TYR B 94 5.42 -17.60 1.42
N ASN B 95 5.00 -16.81 2.42
CA ASN B 95 3.82 -17.17 3.20
C ASN B 95 2.57 -17.18 2.33
N ALA B 96 2.39 -16.14 1.50
CA ALA B 96 1.21 -16.07 0.66
C ALA B 96 1.13 -17.27 -0.30
N GLU B 97 2.23 -17.54 -1.00
CA GLU B 97 2.21 -18.62 -1.98
C GLU B 97 1.99 -19.98 -1.29
N LEU B 98 2.67 -20.21 -0.17
CA LEU B 98 2.50 -21.46 0.57
C LEU B 98 1.06 -21.64 1.03
N LEU B 99 0.49 -20.60 1.66
CA LEU B 99 -0.88 -20.68 2.14
C LEU B 99 -1.83 -21.00 1.01
N VAL B 100 -1.68 -20.32 -0.13
CA VAL B 100 -2.61 -20.56 -1.24
C VAL B 100 -2.50 -22.01 -1.72
N LEU B 101 -1.27 -22.51 -1.88
CA LEU B 101 -1.11 -23.88 -2.37
C LEU B 101 -1.79 -24.89 -1.45
N LEU B 102 -1.47 -24.82 -0.15
CA LEU B 102 -2.03 -25.80 0.77
C LEU B 102 -3.54 -25.66 0.90
N GLU B 103 -4.05 -24.41 0.88
CA GLU B 103 -5.49 -24.21 0.98
C GLU B 103 -6.21 -24.77 -0.24
N ASN B 104 -5.64 -24.60 -1.44
CA ASN B 104 -6.27 -25.16 -2.63
C ASN B 104 -6.32 -26.68 -2.57
N GLU B 105 -5.21 -27.30 -2.14
CA GLU B 105 -5.21 -28.76 -1.98
C GLU B 105 -6.32 -29.19 -1.01
N ARG B 106 -6.38 -28.55 0.15
CA ARG B 106 -7.37 -28.92 1.16
C ARG B 106 -8.79 -28.70 0.66
N THR B 107 -9.02 -27.66 -0.15
CA THR B 107 -10.37 -27.37 -0.63
C THR B 107 -10.83 -28.40 -1.65
N LEU B 108 -9.95 -28.76 -2.59
CA LEU B 108 -10.31 -29.81 -3.55
C LEU B 108 -10.59 -31.13 -2.81
N ASP B 109 -9.77 -31.46 -1.82
CA ASP B 109 -10.03 -32.68 -1.05
C ASP B 109 -11.32 -32.57 -0.24
N PHE B 110 -11.66 -31.37 0.22
CA PHE B 110 -12.92 -31.15 0.93
C PHE B 110 -14.11 -31.47 0.03
N HIS B 111 -14.08 -31.00 -1.21
CA HIS B 111 -15.17 -31.29 -2.13
C HIS B 111 -15.24 -32.78 -2.43
N ASP B 112 -14.10 -33.41 -2.68
CA ASP B 112 -14.04 -34.85 -2.90
C ASP B 112 -14.69 -35.60 -1.74
N SER B 113 -14.30 -35.24 -0.51
CA SER B 113 -14.85 -35.91 0.67
C SER B 113 -16.35 -35.71 0.78
N ASN B 114 -16.83 -34.50 0.50
CA ASN B 114 -18.25 -34.23 0.60
C ASN B 114 -19.06 -35.12 -0.35
N VAL B 115 -18.60 -35.24 -1.60
CA VAL B 115 -19.41 -36.03 -2.53
C VAL B 115 -19.29 -37.53 -2.23
N LYS B 116 -18.13 -38.00 -1.76
CA LYS B 116 -18.04 -39.40 -1.35
C LYS B 116 -18.96 -39.68 -0.17
N ASN B 117 -19.02 -38.75 0.79
CA ASN B 117 -19.95 -38.91 1.90
C ASN B 117 -21.39 -38.99 1.41
N LEU B 118 -21.76 -38.13 0.46
CA LEU B 118 -23.09 -38.20 -0.13
C LEU B 118 -23.38 -39.59 -0.69
N TYR B 119 -22.45 -40.11 -1.50
CA TYR B 119 -22.62 -41.44 -2.09
C TYR B 119 -22.81 -42.49 -1.01
N GLU B 120 -22.02 -42.43 0.06
CA GLU B 120 -22.10 -43.46 1.08
C GLU B 120 -23.41 -43.37 1.87
N LYS B 121 -23.89 -42.16 2.13
CA LYS B 121 -25.19 -42.01 2.78
C LYS B 121 -26.29 -42.66 1.94
N VAL B 122 -26.28 -42.40 0.64
CA VAL B 122 -27.29 -43.03 -0.22
C VAL B 122 -27.14 -44.56 -0.20
N LYS B 123 -25.91 -45.06 -0.25
CA LYS B 123 -25.69 -46.49 -0.34
C LYS B 123 -26.15 -47.22 0.93
N SER B 124 -25.78 -46.67 2.09
CA SER B 124 -26.19 -47.27 3.36
C SER B 124 -27.68 -47.06 3.63
N GLN B 125 -28.31 -46.08 2.96
CA GLN B 125 -29.77 -46.00 3.00
C GLN B 125 -30.40 -47.11 2.17
N LEU B 126 -29.82 -47.41 1.01
CA LEU B 126 -30.48 -48.31 0.07
C LEU B 126 -30.26 -49.77 0.39
N LYS B 127 -29.09 -50.14 0.90
CA LYS B 127 -28.77 -51.54 1.25
C LYS B 127 -28.92 -52.38 -0.03
N ASN B 128 -29.42 -53.62 0.06
CA ASN B 128 -29.52 -54.50 -1.10
C ASN B 128 -30.79 -54.28 -1.90
N ASN B 129 -31.54 -53.22 -1.64
CA ASN B 129 -32.70 -52.89 -2.47
C ASN B 129 -32.29 -52.31 -3.83
N ALA B 130 -30.99 -52.14 -4.06
CA ALA B 130 -30.47 -51.67 -5.32
C ALA B 130 -29.07 -52.22 -5.50
N LYS B 131 -28.55 -52.17 -6.72
CA LYS B 131 -27.20 -52.60 -7.01
C LYS B 131 -26.35 -51.42 -7.48
N GLU B 132 -25.11 -51.38 -7.01
CA GLU B 132 -24.14 -50.41 -7.49
C GLU B 132 -23.73 -50.79 -8.91
N ILE B 133 -23.97 -49.88 -9.85
CA ILE B 133 -23.61 -50.10 -11.24
C ILE B 133 -22.45 -49.20 -11.67
N GLY B 134 -21.65 -48.75 -10.72
CA GLY B 134 -20.52 -47.89 -11.03
C GLY B 134 -20.97 -46.48 -11.40
N ASN B 135 -19.98 -45.63 -11.63
CA ASN B 135 -20.17 -44.22 -11.96
C ASN B 135 -21.01 -43.48 -10.90
N GLY B 136 -21.06 -44.01 -9.68
CA GLY B 136 -21.80 -43.38 -8.60
C GLY B 136 -23.29 -43.53 -8.67
N CYS B 137 -23.78 -44.58 -9.33
CA CYS B 137 -25.21 -44.81 -9.57
C CYS B 137 -25.68 -46.14 -8.97
N PHE B 138 -26.93 -46.14 -8.53
CA PHE B 138 -27.59 -47.34 -8.05
C PHE B 138 -28.79 -47.64 -8.94
N GLU B 139 -28.89 -48.87 -9.41
CA GLU B 139 -30.08 -49.33 -10.11
C GLU B 139 -30.98 -50.05 -9.12
N PHE B 140 -32.19 -49.53 -8.94
CA PHE B 140 -33.10 -50.08 -7.95
C PHE B 140 -33.62 -51.45 -8.38
N TYR B 141 -33.78 -52.35 -7.41
CA TYR B 141 -34.44 -53.62 -7.64
C TYR B 141 -35.96 -53.52 -7.53
N HIS B 142 -36.48 -52.29 -7.43
CA HIS B 142 -37.92 -52.06 -7.37
C HIS B 142 -38.23 -50.76 -8.09
N LYS B 143 -39.52 -50.50 -8.28
CA LYS B 143 -39.97 -49.26 -8.88
C LYS B 143 -39.88 -48.13 -7.86
N CYS B 144 -39.22 -47.04 -8.24
CA CYS B 144 -38.97 -45.91 -7.34
C CYS B 144 -39.49 -44.64 -8.01
N ASP B 145 -40.64 -44.16 -7.56
CA ASP B 145 -41.25 -42.97 -8.14
C ASP B 145 -40.63 -41.71 -7.55
N ASN B 146 -41.13 -40.55 -7.98
CA ASN B 146 -40.59 -39.28 -7.50
C ASN B 146 -40.67 -39.15 -5.98
N GLU B 147 -41.72 -39.70 -5.38
CA GLU B 147 -41.81 -39.71 -3.92
C GLU B 147 -40.71 -40.56 -3.32
N CYS B 148 -40.42 -41.72 -3.92
CA CYS B 148 -39.33 -42.56 -3.45
C CYS B 148 -37.97 -41.89 -3.67
N MET B 149 -37.80 -41.19 -4.79
CA MET B 149 -36.56 -40.47 -5.04
C MET B 149 -36.35 -39.37 -4.00
N GLU B 150 -37.40 -38.61 -3.69
CA GLU B 150 -37.27 -37.61 -2.63
C GLU B 150 -37.07 -38.25 -1.27
N SER B 151 -37.65 -39.43 -1.04
CA SER B 151 -37.39 -40.17 0.18
C SER B 151 -35.91 -40.52 0.31
N VAL B 152 -35.25 -40.80 -0.81
CA VAL B 152 -33.82 -41.04 -0.78
C VAL B 152 -33.07 -39.72 -0.56
N ARG B 153 -33.54 -38.64 -1.17
CA ARG B 153 -32.84 -37.35 -1.07
C ARG B 153 -32.93 -36.79 0.35
N ASN B 154 -34.13 -36.73 0.92
CA ASN B 154 -34.30 -36.18 2.26
C ASN B 154 -33.79 -37.13 3.35
N GLY B 155 -33.31 -38.32 2.98
CA GLY B 155 -32.77 -39.26 3.95
C GLY B 155 -33.79 -40.12 4.66
N THR B 156 -34.99 -40.28 4.09
CA THR B 156 -36.08 -40.99 4.74
C THR B 156 -36.48 -42.26 3.98
N TYR B 157 -35.52 -42.91 3.34
CA TYR B 157 -35.83 -44.08 2.51
C TYR B 157 -36.36 -45.21 3.38
N ASP B 158 -37.50 -45.77 2.99
CA ASP B 158 -38.16 -46.85 3.72
C ASP B 158 -37.69 -48.18 3.14
N TYR B 159 -36.75 -48.83 3.82
CA TYR B 159 -36.23 -50.11 3.32
C TYR B 159 -37.26 -51.23 3.39
N PRO B 160 -37.93 -51.48 4.53
CA PRO B 160 -38.91 -52.59 4.55
C PRO B 160 -40.09 -52.38 3.62
N LYS B 161 -40.35 -51.14 3.19
CA LYS B 161 -41.48 -50.88 2.30
C LYS B 161 -41.30 -51.60 0.97
N TYR B 162 -40.08 -51.60 0.43
CA TYR B 162 -39.77 -52.25 -0.84
C TYR B 162 -38.87 -53.47 -0.66
N SER B 163 -38.63 -53.89 0.58
CA SER B 163 -37.72 -55.00 0.85
C SER B 163 -38.11 -56.26 0.07
N GLU B 164 -39.39 -56.64 0.15
CA GLU B 164 -39.82 -57.90 -0.46
C GLU B 164 -39.82 -57.83 -1.98
N GLU B 165 -40.29 -56.72 -2.56
CA GLU B 165 -40.29 -56.57 -4.00
C GLU B 165 -38.86 -56.59 -4.56
N SER B 166 -37.95 -55.87 -3.91
CA SER B 166 -36.55 -55.88 -4.36
C SER B 166 -35.91 -57.23 -4.14
N LYS B 167 -36.30 -57.94 -3.07
CA LYS B 167 -35.83 -59.30 -2.87
C LYS B 167 -36.26 -60.19 -4.02
N LEU B 168 -37.52 -60.08 -4.44
CA LEU B 168 -38.04 -60.90 -5.52
C LEU B 168 -37.30 -60.63 -6.82
N ASN B 169 -37.19 -59.36 -7.20
CA ASN B 169 -36.54 -59.07 -8.47
C ASN B 169 -35.03 -59.34 -8.42
N ARG B 170 -34.43 -59.24 -7.24
CA ARG B 170 -33.02 -59.58 -7.09
C ARG B 170 -32.80 -61.09 -7.15
N GLU B 171 -33.84 -61.87 -6.83
CA GLU B 171 -33.79 -63.34 -6.71
C GLU B 171 -32.49 -63.84 -6.11
N LEU C 1 -30.06 -20.52 -4.05
CA LEU C 1 -30.68 -19.64 -3.07
C LEU C 1 -29.88 -19.64 -1.76
N TYR C 2 -28.64 -20.09 -1.85
CA TYR C 2 -27.81 -20.24 -0.66
C TYR C 2 -27.34 -18.89 -0.14
N GLU C 3 -27.06 -18.84 1.17
CA GLU C 3 -26.42 -17.68 1.78
C GLU C 3 -24.96 -17.68 1.37
N ASP C 4 -24.62 -16.94 0.32
CA ASP C 4 -23.29 -16.92 -0.26
C ASP C 4 -22.84 -15.47 -0.38
N PRO C 5 -22.40 -14.87 0.72
CA PRO C 5 -22.07 -13.43 0.69
C PRO C 5 -20.90 -13.09 -0.24
N LEU C 6 -19.91 -13.96 -0.34
CA LEU C 6 -18.74 -13.71 -1.18
C LEU C 6 -18.91 -14.22 -2.60
N GLY C 7 -20.10 -14.72 -2.96
CA GLY C 7 -20.29 -15.31 -4.27
C GLY C 7 -19.44 -16.55 -4.49
N VAL C 8 -19.14 -17.28 -3.42
CA VAL C 8 -18.24 -18.43 -3.49
C VAL C 8 -18.72 -19.43 -4.53
N ALA C 9 -20.04 -19.59 -4.67
CA ALA C 9 -20.61 -20.56 -5.59
C ALA C 9 -21.22 -19.92 -6.83
N GLY C 10 -20.87 -18.67 -7.11
CA GLY C 10 -21.27 -17.99 -8.33
C GLY C 10 -22.77 -17.94 -8.60
N GLY C 11 -23.54 -17.46 -7.64
CA GLY C 11 -24.98 -17.39 -7.78
C GLY C 11 -25.64 -18.70 -7.36
N MET C 12 -25.89 -19.57 -8.34
CA MET C 12 -26.28 -20.97 -8.12
C MET C 12 -27.32 -21.14 -7.02
N GLY C 13 -28.59 -20.90 -7.34
CA GLY C 13 -29.66 -21.06 -6.38
C GLY C 13 -29.59 -20.10 -5.21
C1 NAG D . -3.76 -24.96 -18.34
C2 NAG D . -2.78 -25.22 -19.46
C3 NAG D . -3.50 -25.11 -20.79
C4 NAG D . -4.73 -26.02 -20.81
C5 NAG D . -5.57 -25.92 -19.52
C6 NAG D . -6.61 -27.01 -19.40
C7 NAG D . -0.48 -24.60 -18.86
C8 NAG D . 0.56 -23.51 -18.88
N2 NAG D . -1.66 -24.28 -19.40
O3 NAG D . -2.61 -25.45 -21.85
O4 NAG D . -5.58 -25.61 -21.89
O5 NAG D . -4.74 -25.98 -18.34
O6 NAG D . -6.22 -28.17 -20.13
O7 NAG D . -0.26 -25.71 -18.39
C1 NAG D . -5.58 -26.50 -23.03
C2 NAG D . -6.39 -25.82 -24.14
C3 NAG D . -6.43 -26.70 -25.39
C4 NAG D . -5.02 -27.08 -25.81
C5 NAG D . -4.26 -27.72 -24.64
C6 NAG D . -2.82 -28.02 -24.96
C7 NAG D . -8.14 -24.27 -23.41
C8 NAG D . -9.57 -24.12 -22.97
N2 NAG D . -7.74 -25.51 -23.70
O3 NAG D . -7.08 -26.02 -26.44
O4 NAG D . -5.07 -28.00 -26.89
O5 NAG D . -4.26 -26.83 -23.52
O6 NAG D . -2.01 -26.86 -24.85
O7 NAG D . -7.39 -23.30 -23.50
C1 NAG E . 7.72 8.86 -16.21
C2 NAG E . 8.42 7.60 -15.69
C3 NAG E . 8.80 6.70 -16.87
C4 NAG E . 7.58 6.43 -17.75
C5 NAG E . 6.90 7.73 -18.14
C6 NAG E . 5.61 7.52 -18.91
C7 NAG E . 9.74 7.59 -13.62
C8 NAG E . 11.03 8.00 -12.98
N2 NAG E . 9.61 7.92 -14.91
O3 NAG E . 9.33 5.47 -16.39
O4 NAG E . 7.98 5.75 -18.93
O5 NAG E . 6.57 8.49 -16.97
O6 NAG E . 5.35 6.14 -19.10
O7 NAG E . 8.86 6.99 -13.01
C1 NAG F . -20.23 -19.83 -20.02
C2 NAG F . -20.36 -19.06 -21.33
C3 NAG F . -21.14 -17.77 -21.12
C4 NAG F . -22.48 -18.06 -20.47
C5 NAG F . -22.27 -18.86 -19.18
C6 NAG F . -23.57 -19.29 -18.53
C7 NAG F . -18.46 -19.60 -22.80
C8 NAG F . -17.11 -19.16 -23.29
N2 NAG F . -19.05 -18.79 -21.93
O3 NAG F . -21.34 -17.12 -22.38
O4 NAG F . -23.17 -16.85 -20.18
O5 NAG F . -21.53 -20.05 -19.46
O6 NAG F . -23.46 -19.32 -17.12
O7 NAG F . -18.97 -20.66 -23.15
C1 NAG G . -38.77 -35.63 2.90
C2 NAG G . -40.16 -36.06 3.40
C3 NAG G . -41.11 -34.86 3.45
C4 NAG G . -40.49 -33.74 4.27
C5 NAG G . -39.10 -33.40 3.73
C6 NAG G . -38.38 -32.35 4.54
C7 NAG G . -41.00 -37.02 1.28
C8 NAG G . -41.57 -38.25 0.63
N2 NAG G . -40.71 -37.14 2.58
O3 NAG G . -42.34 -35.26 4.02
O4 NAG G . -41.31 -32.58 4.20
O5 NAG G . -38.26 -34.58 3.74
O6 NAG G . -37.77 -32.90 5.70
O7 NAG G . -40.82 -35.98 0.65
#